data_2OTO
#
_entry.id   2OTO
#
_cell.length_a   119.374
_cell.length_b   83.405
_cell.length_c   93.467
_cell.angle_alpha   90.000
_cell.angle_beta   90.000
_cell.angle_gamma   90.000
#
_symmetry.space_group_name_H-M   'P 21 21 2'
#
_entity_poly.entity_id   1
_entity_poly.type   'polypeptide(L)'
_entity_poly.pdbx_seq_one_letter_code
;(MSE)VNGDGNPREVIEDLAANNPAIQNIRLRHENKDLKARLENA(MSE)EVAGRDFKRAEELEKAKQALEDQRKDLETK
LKELQQDYDLAKESTSWDRQRLEKELEEKKEALELAIDQASRDYHRATALEKELEEKKKALELAIDQASQDYNRANVLEK
ELE
;
_entity_poly.pdbx_strand_id   A,B,C,D
#
# COMPACT_ATOMS: atom_id res chain seq x y z
N ALA A 17 -47.81 -110.48 92.72
CA ALA A 17 -47.33 -109.10 92.42
C ALA A 17 -48.21 -108.41 91.38
N ASN A 18 -49.15 -109.17 90.83
CA ASN A 18 -49.86 -108.79 89.61
C ASN A 18 -51.33 -108.60 89.92
N ASN A 19 -51.60 -107.58 90.73
CA ASN A 19 -52.83 -107.47 91.49
C ASN A 19 -53.55 -106.16 91.22
N PRO A 20 -54.62 -106.21 90.41
CA PRO A 20 -55.49 -105.18 89.85
C PRO A 20 -55.37 -103.78 90.45
N ALA A 21 -55.77 -103.56 91.70
CA ALA A 21 -55.64 -102.24 92.30
C ALA A 21 -54.24 -101.67 92.00
N ILE A 22 -53.22 -102.45 92.34
CA ILE A 22 -51.82 -102.10 92.05
C ILE A 22 -51.68 -101.68 90.60
N GLN A 23 -51.60 -102.64 89.69
CA GLN A 23 -51.40 -102.29 88.29
C GLN A 23 -52.39 -101.19 87.89
N ASN A 24 -53.67 -101.41 88.19
CA ASN A 24 -54.74 -100.47 87.84
C ASN A 24 -54.61 -99.11 88.51
N ILE A 25 -53.40 -98.80 88.97
CA ILE A 25 -53.06 -97.47 89.45
C ILE A 25 -51.67 -97.13 88.91
N ARG A 26 -50.75 -98.10 89.08
CA ARG A 26 -49.47 -98.13 88.39
C ARG A 26 -49.65 -97.69 86.94
N LEU A 27 -50.59 -98.33 86.24
CA LEU A 27 -51.01 -97.91 84.91
C LEU A 27 -51.52 -96.47 84.93
N ARG A 28 -52.45 -96.19 85.84
CA ARG A 28 -53.04 -94.86 85.96
C ARG A 28 -51.95 -93.78 85.99
N HIS A 29 -50.85 -94.06 86.66
CA HIS A 29 -49.72 -93.14 86.67
C HIS A 29 -49.02 -93.14 85.33
N GLU A 30 -48.41 -94.28 84.96
CA GLU A 30 -47.75 -94.41 83.67
C GLU A 30 -48.59 -93.73 82.60
N ASN A 31 -49.91 -93.70 82.81
CA ASN A 31 -50.82 -93.08 81.87
C ASN A 31 -50.76 -91.56 81.84
N LYS A 32 -50.99 -90.93 83.00
CA LYS A 32 -50.85 -89.48 83.15
C LYS A 32 -49.51 -89.07 82.57
N ASP A 33 -48.47 -89.66 83.16
CA ASP A 33 -47.08 -89.57 82.68
C ASP A 33 -46.99 -89.43 81.17
N LEU A 34 -47.54 -90.43 80.45
CA LEU A 34 -47.53 -90.43 79.00
C LEU A 34 -48.44 -89.36 78.41
N LYS A 35 -49.68 -89.31 78.88
CA LYS A 35 -50.68 -88.37 78.36
C LYS A 35 -50.11 -86.97 78.33
N ALA A 36 -49.32 -86.65 79.37
CA ALA A 36 -48.51 -85.45 79.41
C ALA A 36 -47.44 -85.51 78.31
N ARG A 37 -46.43 -86.33 78.52
CA ARG A 37 -45.36 -86.51 77.53
C ARG A 37 -45.89 -86.45 76.08
N LEU A 38 -47.23 -86.45 75.86
CA LEU A 38 -47.88 -86.46 74.53
C LEU A 38 -48.31 -85.11 74.15
N GLU A 39 -48.95 -84.57 75.14
CA GLU A 39 -49.39 -83.23 75.01
C GLU A 39 -48.17 -82.39 74.68
N ASN A 40 -47.00 -82.69 75.31
CA ASN A 40 -45.78 -81.97 74.98
C ASN A 40 -45.46 -82.11 73.50
N ALA A 41 -44.91 -83.27 73.12
CA ALA A 41 -44.49 -83.54 71.74
C ALA A 41 -45.55 -83.12 70.72
N GLU A 43 -47.00 -80.34 70.95
CA GLU A 43 -46.59 -78.95 70.74
C GLU A 43 -45.27 -78.81 70.01
N VAL A 44 -44.27 -79.67 70.35
CA VAL A 44 -42.94 -79.48 69.73
C VAL A 44 -43.03 -79.67 68.21
N ALA A 45 -43.77 -80.69 67.78
CA ALA A 45 -44.14 -80.79 66.38
C ALA A 45 -44.72 -79.45 65.94
N GLY A 46 -45.62 -78.91 66.76
CA GLY A 46 -46.27 -77.62 66.50
C GLY A 46 -45.28 -76.54 66.09
N ARG A 47 -44.42 -76.14 67.03
CA ARG A 47 -43.35 -75.20 66.74
C ARG A 47 -42.55 -75.63 65.51
N ASP A 48 -41.91 -76.80 65.59
CA ASP A 48 -41.04 -77.30 64.51
C ASP A 48 -41.66 -77.18 63.12
N PHE A 49 -42.99 -77.32 63.06
CA PHE A 49 -43.74 -77.12 61.82
C PHE A 49 -43.81 -75.64 61.48
N LYS A 50 -44.28 -74.83 62.44
CA LYS A 50 -44.37 -73.38 62.25
C LYS A 50 -43.07 -72.84 61.69
N ARG A 51 -42.03 -72.80 62.53
CA ARG A 51 -40.67 -72.50 62.08
C ARG A 51 -40.51 -72.63 60.57
N ALA A 52 -40.40 -73.88 60.13
CA ALA A 52 -40.12 -74.21 58.74
C ALA A 52 -41.15 -73.61 57.77
N GLU A 53 -42.39 -74.06 57.82
CA GLU A 53 -43.41 -73.55 56.89
C GLU A 53 -43.27 -72.04 56.70
N GLU A 54 -43.12 -71.30 57.81
CA GLU A 54 -42.86 -69.87 57.76
C GLU A 54 -41.40 -69.54 57.41
N LEU A 55 -40.77 -70.40 56.62
CA LEU A 55 -39.49 -70.08 55.99
C LEU A 55 -39.57 -70.24 54.48
N GLU A 56 -40.43 -71.16 54.02
CA GLU A 56 -40.73 -71.26 52.60
C GLU A 56 -41.47 -70.01 52.18
N LYS A 57 -42.09 -69.33 53.15
CA LYS A 57 -42.54 -67.96 52.98
C LYS A 57 -41.32 -67.12 52.63
N ALA A 58 -40.36 -67.05 53.55
CA ALA A 58 -39.13 -66.30 53.35
C ALA A 58 -38.50 -66.66 52.01
N LYS A 59 -38.21 -67.95 51.80
CA LYS A 59 -37.70 -68.41 50.51
C LYS A 59 -38.48 -67.72 49.40
N GLN A 60 -39.81 -67.90 49.41
CA GLN A 60 -40.64 -67.38 48.34
C GLN A 60 -40.55 -65.86 48.16
N ALA A 61 -40.60 -65.13 49.26
CA ALA A 61 -40.50 -63.69 49.20
C ALA A 61 -39.20 -63.30 48.50
N LEU A 62 -38.07 -63.68 49.12
CA LEU A 62 -36.71 -63.41 48.64
C LEU A 62 -36.55 -63.47 47.15
N GLU A 63 -37.27 -64.44 46.61
CA GLU A 63 -37.39 -64.82 45.19
C GLU A 63 -38.51 -64.02 44.45
N ASP A 64 -39.64 -63.73 45.10
CA ASP A 64 -40.59 -62.89 44.37
C ASP A 64 -39.82 -61.62 43.93
N GLN A 65 -38.49 -61.65 44.26
CA GLN A 65 -37.41 -60.63 44.07
C GLN A 65 -36.21 -61.11 43.21
N ARG A 66 -35.44 -62.13 43.65
CA ARG A 66 -34.33 -62.61 42.82
C ARG A 66 -34.77 -62.52 41.37
N LYS A 67 -36.06 -62.83 41.14
CA LYS A 67 -36.60 -62.70 39.79
C LYS A 67 -36.90 -61.23 39.53
N ASP A 68 -37.39 -60.53 40.54
CA ASP A 68 -37.74 -59.12 40.37
C ASP A 68 -36.52 -58.23 40.14
N LEU A 69 -35.55 -58.26 41.06
CA LEU A 69 -34.38 -57.39 40.90
C LEU A 69 -33.57 -57.81 39.67
N GLU A 70 -33.48 -59.12 39.41
CA GLU A 70 -32.84 -59.65 38.22
C GLU A 70 -33.15 -58.78 37.01
N THR A 71 -34.42 -58.35 36.94
CA THR A 71 -34.94 -57.53 35.85
C THR A 71 -34.41 -56.10 35.88
N LYS A 72 -34.48 -55.46 37.05
CA LYS A 72 -34.01 -54.08 37.17
C LYS A 72 -32.59 -53.96 36.60
N LEU A 73 -31.72 -54.89 37.02
CA LEU A 73 -30.38 -54.99 36.43
C LEU A 73 -30.46 -55.03 34.92
N LYS A 74 -31.15 -56.06 34.40
CA LYS A 74 -31.31 -56.21 32.95
C LYS A 74 -31.73 -54.89 32.31
N GLU A 75 -32.83 -54.32 32.81
CA GLU A 75 -33.39 -53.09 32.27
C GLU A 75 -32.40 -51.93 32.38
N LEU A 76 -31.78 -51.77 33.54
CA LEU A 76 -30.71 -50.80 33.68
C LEU A 76 -29.63 -51.04 32.64
N GLN A 77 -29.14 -52.27 32.56
CA GLN A 77 -28.14 -52.62 31.57
C GLN A 77 -28.59 -52.10 30.22
N GLN A 78 -29.82 -52.45 29.83
CA GLN A 78 -30.46 -51.88 28.63
C GLN A 78 -30.24 -50.38 28.53
N ASP A 79 -30.68 -49.65 29.55
CA ASP A 79 -30.75 -48.20 29.41
C ASP A 79 -29.35 -47.62 29.32
N TYR A 80 -28.57 -47.81 30.37
CA TYR A 80 -27.14 -47.57 30.36
C TYR A 80 -26.49 -47.87 29.01
N ASP A 81 -26.55 -49.13 28.59
CA ASP A 81 -26.01 -49.56 27.29
C ASP A 81 -26.25 -48.51 26.22
N LEU A 82 -27.45 -47.91 26.26
CA LEU A 82 -27.80 -46.84 25.34
C LEU A 82 -27.08 -45.54 25.69
N ALA A 83 -27.25 -45.04 26.91
CA ALA A 83 -26.57 -43.80 27.30
C ALA A 83 -25.15 -43.82 26.74
N LYS A 84 -24.42 -44.88 27.11
CA LYS A 84 -23.15 -45.28 26.49
C LYS A 84 -22.91 -44.75 25.07
N GLU A 85 -23.67 -45.27 24.10
CA GLU A 85 -23.48 -44.86 22.72
C GLU A 85 -23.66 -43.36 22.58
N SER A 86 -24.84 -42.88 22.96
CA SER A 86 -25.18 -41.46 22.89
C SER A 86 -24.06 -40.56 23.44
N THR A 87 -23.59 -40.87 24.65
CA THR A 87 -22.46 -40.12 25.24
C THR A 87 -21.23 -40.13 24.33
N SER A 88 -20.78 -41.32 23.92
CA SER A 88 -19.65 -41.44 23.01
C SER A 88 -19.71 -40.39 21.90
N TRP A 89 -20.87 -40.29 21.25
CA TRP A 89 -21.14 -39.30 20.20
C TRP A 89 -20.86 -37.87 20.62
N ASP A 90 -21.22 -37.52 21.86
CA ASP A 90 -21.04 -36.14 22.30
C ASP A 90 -19.56 -35.84 22.48
N ARG A 91 -18.88 -36.65 23.30
CA ARG A 91 -17.42 -36.60 23.30
C ARG A 91 -16.88 -36.54 21.87
N GLN A 92 -17.40 -37.41 21.00
CA GLN A 92 -16.99 -37.40 19.60
C GLN A 92 -17.19 -36.01 19.02
N ARG A 93 -18.42 -35.53 19.09
CA ARG A 93 -18.87 -34.30 18.46
C ARG A 93 -18.10 -33.09 18.98
N LEU A 94 -17.84 -33.09 20.29
CA LEU A 94 -17.04 -32.04 20.91
C LEU A 94 -15.63 -32.03 20.33
N GLU A 95 -15.00 -33.21 20.27
CA GLU A 95 -13.66 -33.28 19.68
C GLU A 95 -13.70 -32.64 18.29
N LYS A 96 -14.81 -32.82 17.57
CA LYS A 96 -14.96 -32.23 16.23
C LYS A 96 -14.82 -30.72 16.20
N GLU A 97 -15.37 -30.02 17.20
CA GLU A 97 -15.29 -28.56 17.22
C GLU A 97 -13.86 -28.10 17.39
N LEU A 98 -13.27 -28.54 18.51
CA LEU A 98 -11.83 -28.48 18.73
C LEU A 98 -11.03 -28.76 17.49
N GLU A 99 -11.46 -29.74 16.69
CA GLU A 99 -10.80 -29.86 15.39
C GLU A 99 -10.99 -28.62 14.52
N GLU A 100 -12.17 -28.48 13.91
CA GLU A 100 -12.51 -27.29 13.12
C GLU A 100 -11.85 -26.00 13.58
N LYS A 101 -12.15 -25.59 14.81
CA LYS A 101 -11.46 -24.46 15.47
C LYS A 101 -9.95 -24.53 15.22
N LYS A 102 -9.29 -25.49 15.89
CA LYS A 102 -7.84 -25.68 15.73
C LYS A 102 -7.40 -25.57 14.28
N GLU A 103 -8.10 -26.27 13.39
CA GLU A 103 -7.78 -26.22 11.98
C GLU A 103 -7.96 -24.79 11.46
N ALA A 104 -9.17 -24.25 11.62
CA ALA A 104 -9.51 -22.91 11.13
C ALA A 104 -8.63 -21.81 11.72
N LEU A 105 -8.06 -22.06 12.90
CA LEU A 105 -7.05 -21.17 13.44
C LEU A 105 -5.80 -21.12 12.55
N GLU A 106 -5.32 -22.27 12.07
CA GLU A 106 -4.12 -22.27 11.20
C GLU A 106 -4.28 -21.26 10.08
N LEU A 107 -5.44 -21.29 9.42
CA LEU A 107 -5.77 -20.37 8.32
C LEU A 107 -5.69 -18.91 8.73
N ALA A 108 -6.24 -18.61 9.90
CA ALA A 108 -6.18 -17.25 10.43
C ALA A 108 -4.72 -16.85 10.48
N ILE A 109 -3.97 -17.55 11.35
CA ILE A 109 -2.54 -17.36 11.48
C ILE A 109 -1.84 -17.38 10.11
N ASP A 110 -2.26 -18.27 9.21
CA ASP A 110 -1.72 -18.18 7.87
C ASP A 110 -1.98 -16.79 7.31
N GLN A 111 -3.24 -16.50 6.97
CA GLN A 111 -3.62 -15.23 6.35
C GLN A 111 -2.90 -14.03 6.96
N ALA A 112 -2.76 -14.04 8.28
CA ALA A 112 -2.07 -13.00 9.00
C ALA A 112 -0.64 -12.88 8.51
N SER A 113 0.19 -13.89 8.78
CA SER A 113 1.55 -13.93 8.24
C SER A 113 1.57 -13.52 6.78
N ARG A 114 0.63 -14.08 6.00
CA ARG A 114 0.59 -13.81 4.57
C ARG A 114 0.27 -12.35 4.25
N ASP A 115 -0.65 -11.75 4.99
CA ASP A 115 -0.95 -10.33 4.81
C ASP A 115 0.10 -9.48 5.48
N TYR A 116 0.54 -9.91 6.66
CA TYR A 116 1.48 -9.12 7.45
C TYR A 116 2.76 -8.81 6.67
N HIS A 117 3.61 -9.82 6.46
CA HIS A 117 4.87 -9.58 5.77
C HIS A 117 4.56 -8.76 4.53
N ARG A 118 3.51 -9.16 3.81
CA ARG A 118 3.02 -8.45 2.62
C ARG A 118 2.85 -6.94 2.83
N ALA A 119 2.63 -6.51 4.08
CA ALA A 119 2.61 -5.09 4.39
C ALA A 119 3.99 -4.50 4.18
N THR A 120 4.99 -5.01 4.93
CA THR A 120 6.40 -4.70 4.65
C THR A 120 6.73 -4.74 3.17
N ALA A 121 6.02 -5.58 2.41
CA ALA A 121 6.13 -5.54 0.96
C ALA A 121 5.91 -4.11 0.49
N LEU A 122 4.87 -3.45 1.02
CA LEU A 122 4.58 -2.08 0.62
C LEU A 122 5.43 -1.03 1.35
N GLU A 123 5.73 -1.24 2.64
CA GLU A 123 6.64 -0.35 3.36
C GLU A 123 7.94 -0.18 2.57
N LYS A 124 8.42 -1.27 1.98
CA LYS A 124 9.57 -1.23 1.07
C LYS A 124 9.26 -0.37 -0.14
N GLU A 125 8.33 -0.85 -0.96
CA GLU A 125 7.88 -0.17 -2.16
C GLU A 125 7.36 1.25 -1.87
N LEU A 126 7.41 1.65 -0.60
CA LEU A 126 7.10 3.03 -0.23
C LEU A 126 8.33 3.91 -0.07
N GLU A 127 9.20 3.60 0.90
CA GLU A 127 10.50 4.30 1.02
C GLU A 127 11.12 4.42 -0.36
N GLU A 128 10.78 3.45 -1.20
CA GLU A 128 11.23 3.41 -2.58
C GLU A 128 10.60 4.51 -3.42
N LYS A 129 9.27 4.60 -3.42
CA LYS A 129 8.62 5.72 -4.12
C LYS A 129 8.84 7.02 -3.36
N LYS A 130 9.24 6.90 -2.10
CA LYS A 130 9.57 8.07 -1.28
C LYS A 130 10.91 8.70 -1.69
N LYS A 131 12.01 7.96 -1.49
CA LYS A 131 13.33 8.45 -1.85
C LYS A 131 13.36 8.84 -3.32
N ALA A 132 12.52 8.17 -4.11
CA ALA A 132 12.28 8.56 -5.49
C ALA A 132 11.75 9.98 -5.58
N LEU A 133 11.05 10.43 -4.54
CA LEU A 133 10.41 11.75 -4.58
C LEU A 133 11.40 12.85 -4.22
N GLU A 134 11.97 12.77 -3.01
CA GLU A 134 13.26 13.36 -2.69
C GLU A 134 14.00 13.89 -3.92
N LEU A 135 14.32 12.98 -4.83
CA LEU A 135 15.16 13.32 -5.96
C LEU A 135 14.48 14.32 -6.87
N ALA A 136 13.28 13.98 -7.34
CA ALA A 136 12.49 14.86 -8.20
C ALA A 136 12.40 16.26 -7.60
N ILE A 137 12.16 16.30 -6.29
CA ILE A 137 12.29 17.52 -5.52
C ILE A 137 13.64 18.17 -5.84
N ASP A 138 14.68 17.74 -5.11
CA ASP A 138 16.07 18.11 -5.37
C ASP A 138 16.23 18.52 -6.81
N GLN A 139 15.97 17.58 -7.72
CA GLN A 139 16.16 17.85 -9.12
C GLN A 139 15.45 19.14 -9.50
N ALA A 140 14.13 19.06 -9.65
CA ALA A 140 13.29 20.21 -10.00
C ALA A 140 13.83 21.54 -9.47
N SER A 141 13.93 21.66 -8.14
CA SER A 141 14.46 22.88 -7.54
C SER A 141 15.83 23.21 -8.11
N GLN A 142 16.72 22.20 -8.14
CA GLN A 142 18.05 22.39 -8.73
C GLN A 142 17.94 23.03 -10.10
N ASP A 143 17.18 22.42 -11.00
CA ASP A 143 16.96 23.04 -12.31
C ASP A 143 15.78 24.03 -12.32
N TYR A 144 15.38 24.48 -11.13
CA TYR A 144 14.64 25.73 -11.00
C TYR A 144 15.67 26.86 -11.02
N ASN A 145 16.56 26.87 -10.02
CA ASN A 145 17.64 27.84 -9.97
C ASN A 145 18.40 27.84 -11.27
N ARG A 146 18.84 26.65 -11.69
CA ARG A 146 19.61 26.49 -12.91
C ARG A 146 18.87 27.15 -14.08
N ALA A 147 17.56 26.96 -14.13
CA ALA A 147 16.72 27.60 -15.15
C ALA A 147 16.61 29.11 -14.91
N ASN A 148 16.86 29.53 -13.67
CA ASN A 148 16.64 30.93 -13.31
C ASN A 148 17.79 31.87 -13.62
N VAL A 149 19.03 31.43 -13.44
CA VAL A 149 20.17 32.27 -13.85
C VAL A 149 19.96 32.71 -15.28
N LEU A 150 19.64 31.75 -16.14
CA LEU A 150 19.41 32.02 -17.56
C LEU A 150 18.33 33.08 -17.77
N GLU A 151 17.53 33.31 -16.74
CA GLU A 151 16.50 34.35 -16.76
C GLU A 151 17.12 35.73 -16.75
N LYS A 152 18.30 35.85 -16.16
CA LYS A 152 19.09 37.07 -16.31
C LYS A 152 19.68 37.08 -17.72
N GLU A 153 20.05 35.90 -18.21
CA GLU A 153 20.89 35.75 -19.39
C GLU A 153 22.02 36.80 -19.40
N ALA B 16 -63.42 -93.31 88.05
CA ALA B 16 -64.67 -93.76 88.72
C ALA B 16 -64.42 -94.95 89.67
N ALA B 17 -65.39 -95.21 90.54
CA ALA B 17 -65.24 -96.20 91.61
C ALA B 17 -65.80 -97.58 91.29
N ASN B 18 -65.82 -97.94 90.00
CA ASN B 18 -66.25 -99.28 89.59
C ASN B 18 -65.19 -100.34 89.88
N ASN B 19 -65.27 -101.46 89.17
CA ASN B 19 -64.38 -102.59 89.39
C ASN B 19 -63.05 -102.43 88.64
N PRO B 20 -61.97 -103.01 89.18
CA PRO B 20 -60.64 -102.58 88.80
C PRO B 20 -60.17 -103.27 87.52
N ALA B 21 -60.01 -104.59 87.59
CA ALA B 21 -59.38 -105.38 86.54
C ALA B 21 -59.89 -105.08 85.14
N ILE B 22 -61.10 -104.53 85.04
CA ILE B 22 -61.63 -104.15 83.73
C ILE B 22 -61.00 -102.85 83.21
N GLN B 23 -61.01 -101.79 84.00
CA GLN B 23 -60.41 -100.53 83.57
C GLN B 23 -58.97 -100.77 83.13
N ASN B 24 -58.25 -101.57 83.93
CA ASN B 24 -56.93 -102.09 83.56
C ASN B 24 -56.80 -102.38 82.07
N ILE B 25 -57.87 -102.91 81.46
CA ILE B 25 -57.89 -103.19 80.03
C ILE B 25 -57.56 -101.92 79.24
N ARG B 26 -58.37 -100.88 79.45
CA ARG B 26 -58.33 -99.67 78.61
C ARG B 26 -57.05 -98.86 78.80
N LEU B 27 -56.69 -98.62 80.06
CA LEU B 27 -55.42 -97.96 80.38
C LEU B 27 -54.26 -98.63 79.68
N ARG B 28 -54.16 -99.97 79.81
CA ARG B 28 -53.11 -100.68 79.10
C ARG B 28 -53.12 -100.35 77.60
N HIS B 29 -54.31 -100.31 76.99
CA HIS B 29 -54.38 -99.94 75.56
C HIS B 29 -53.91 -98.51 75.34
N GLU B 30 -54.49 -97.58 76.07
CA GLU B 30 -54.11 -96.18 75.93
C GLU B 30 -52.60 -95.99 76.08
N ASN B 31 -52.00 -96.58 77.11
CA ASN B 31 -50.55 -96.49 77.27
C ASN B 31 -49.79 -96.89 76.02
N LYS B 32 -50.26 -97.92 75.32
CA LYS B 32 -49.63 -98.34 74.07
C LYS B 32 -49.76 -97.26 73.00
N ASP B 33 -50.98 -96.72 72.83
CA ASP B 33 -51.26 -95.71 71.82
C ASP B 33 -50.54 -94.41 72.11
N LEU B 34 -50.66 -93.95 73.35
CA LEU B 34 -49.94 -92.75 73.78
C LEU B 34 -48.45 -92.87 73.48
N LYS B 35 -47.84 -93.98 73.94
CA LYS B 35 -46.43 -94.21 73.62
C LYS B 35 -46.21 -94.20 72.11
N ALA B 36 -47.11 -94.84 71.36
CA ALA B 36 -47.00 -94.89 69.91
C ALA B 36 -47.29 -93.54 69.27
N ARG B 37 -48.29 -92.87 69.79
CA ARG B 37 -48.68 -91.54 69.27
C ARG B 37 -47.57 -90.55 69.49
N LEU B 38 -46.77 -90.89 70.44
CA LEU B 38 -45.65 -90.09 70.71
C LEU B 38 -44.69 -90.53 69.72
N GLU B 39 -44.05 -91.51 70.18
CA GLU B 39 -43.20 -92.14 69.32
C GLU B 39 -43.09 -91.45 67.97
N ASN B 40 -44.20 -91.21 67.24
CA ASN B 40 -44.06 -90.75 65.86
C ASN B 40 -44.12 -89.24 65.69
N ALA B 41 -44.73 -88.56 66.65
CA ALA B 41 -44.75 -87.11 66.66
C ALA B 41 -43.34 -86.57 66.77
N GLU B 43 -40.90 -88.34 65.54
CA GLU B 43 -40.47 -88.65 64.17
C GLU B 43 -40.83 -87.57 63.14
N VAL B 44 -41.97 -86.89 63.31
CA VAL B 44 -42.31 -85.81 62.36
C VAL B 44 -41.65 -84.47 62.70
N ALA B 45 -41.72 -84.06 63.97
CA ALA B 45 -40.93 -82.95 64.44
C ALA B 45 -39.44 -83.31 64.31
N GLY B 46 -39.19 -84.50 63.78
CA GLY B 46 -37.86 -84.88 63.33
C GLY B 46 -37.56 -84.25 62.00
N ARG B 47 -38.45 -84.44 61.03
CA ARG B 47 -38.23 -84.00 59.64
C ARG B 47 -38.14 -82.48 59.59
N ASP B 48 -39.20 -81.83 60.06
CA ASP B 48 -39.40 -80.41 59.83
C ASP B 48 -38.30 -79.60 60.48
N PHE B 49 -37.62 -80.20 61.44
CA PHE B 49 -36.34 -79.70 61.92
C PHE B 49 -35.32 -79.65 60.78
N LYS B 50 -34.90 -80.82 60.30
CA LYS B 50 -33.90 -80.88 59.23
C LYS B 50 -34.34 -79.99 58.09
N ARG B 51 -35.58 -80.19 57.64
CA ARG B 51 -36.22 -79.35 56.61
C ARG B 51 -36.07 -77.85 56.91
N ALA B 52 -36.35 -77.45 58.15
CA ALA B 52 -36.13 -76.07 58.56
C ALA B 52 -34.67 -75.74 58.28
N GLU B 53 -33.78 -76.38 59.03
CA GLU B 53 -32.34 -76.22 58.84
C GLU B 53 -31.94 -76.26 57.37
N GLU B 54 -32.69 -77.03 56.58
CA GLU B 54 -32.49 -77.07 55.13
C GLU B 54 -32.70 -75.71 54.51
N LEU B 55 -33.90 -75.16 54.74
CA LEU B 55 -34.28 -73.86 54.20
C LEU B 55 -33.38 -72.73 54.68
N GLU B 56 -33.10 -72.68 55.99
CA GLU B 56 -32.24 -71.64 56.56
C GLU B 56 -30.97 -71.46 55.73
N LYS B 57 -30.40 -72.58 55.30
CA LYS B 57 -29.30 -72.59 54.33
C LYS B 57 -29.76 -71.98 53.01
N ALA B 58 -30.76 -72.61 52.38
CA ALA B 58 -31.33 -72.15 51.11
C ALA B 58 -31.71 -70.67 51.14
N LYS B 59 -32.22 -70.22 52.28
CA LYS B 59 -32.54 -68.81 52.48
C LYS B 59 -31.28 -67.98 52.39
N GLN B 60 -30.41 -68.14 53.38
CA GLN B 60 -29.06 -67.58 53.35
C GLN B 60 -28.53 -67.51 51.94
N ALA B 61 -28.29 -68.69 51.35
CA ALA B 61 -27.83 -68.82 49.97
C ALA B 61 -28.33 -67.69 49.08
N LEU B 62 -29.64 -67.50 49.03
CA LEU B 62 -30.26 -66.50 48.17
C LEU B 62 -30.14 -65.12 48.77
N GLU B 63 -30.64 -64.96 49.99
CA GLU B 63 -30.53 -63.69 50.70
C GLU B 63 -29.15 -63.13 50.43
N ASP B 64 -28.16 -64.02 50.54
CA ASP B 64 -26.77 -63.71 50.30
C ASP B 64 -26.51 -63.39 48.84
N GLN B 65 -27.20 -64.10 47.95
CA GLN B 65 -27.07 -63.87 46.52
C GLN B 65 -28.06 -62.82 46.02
N ARG B 66 -28.46 -61.92 46.92
CA ARG B 66 -29.21 -60.72 46.55
C ARG B 66 -28.39 -59.51 46.95
N LYS B 67 -27.72 -59.62 48.10
CA LYS B 67 -26.66 -58.69 48.46
C LYS B 67 -25.71 -58.55 47.28
N ASP B 68 -25.29 -59.68 46.71
CA ASP B 68 -24.48 -59.64 45.50
C ASP B 68 -25.14 -58.72 44.49
N LEU B 69 -26.41 -58.99 44.20
CA LEU B 69 -27.07 -58.33 43.08
C LEU B 69 -27.60 -56.94 43.38
N GLU B 70 -27.46 -56.48 44.63
CA GLU B 70 -27.68 -55.08 44.93
C GLU B 70 -26.49 -54.28 44.43
N THR B 71 -25.31 -54.68 44.92
CA THR B 71 -24.04 -54.19 44.40
C THR B 71 -24.13 -53.95 42.91
N LYS B 72 -24.10 -55.04 42.15
CA LYS B 72 -24.01 -54.97 40.70
C LYS B 72 -25.02 -54.00 40.13
N LEU B 73 -26.20 -53.96 40.76
CA LEU B 73 -27.22 -52.99 40.41
C LEU B 73 -26.77 -51.57 40.77
N LYS B 74 -26.55 -51.31 42.06
CA LYS B 74 -26.04 -49.99 42.47
C LYS B 74 -24.88 -49.59 41.56
N GLU B 75 -23.82 -50.42 41.59
CA GLU B 75 -22.65 -50.28 40.71
C GLU B 75 -23.01 -49.64 39.40
N LEU B 76 -23.84 -50.35 38.64
CA LEU B 76 -24.34 -49.91 37.36
C LEU B 76 -24.99 -48.55 37.49
N GLN B 77 -26.13 -48.50 38.19
CA GLN B 77 -26.93 -47.28 38.29
C GLN B 77 -26.04 -46.04 38.31
N GLN B 78 -24.99 -46.10 39.12
CA GLN B 78 -24.05 -45.00 39.21
C GLN B 78 -23.35 -44.78 37.88
N ASP B 79 -22.85 -45.85 37.30
CA ASP B 79 -22.18 -45.81 36.00
C ASP B 79 -23.06 -45.22 34.91
N TYR B 80 -24.36 -45.06 35.18
CA TYR B 80 -25.28 -44.48 34.20
C TYR B 80 -25.32 -43.06 34.56
N ASP B 81 -25.77 -43.07 35.76
CA ASP B 81 -25.77 -41.86 36.48
C ASP B 81 -24.49 -41.17 36.03
N LEU B 82 -23.35 -41.84 36.11
CA LEU B 82 -22.10 -41.23 35.68
C LEU B 82 -22.16 -40.75 34.24
N ALA B 83 -22.45 -41.66 33.30
CA ALA B 83 -22.53 -41.26 31.89
C ALA B 83 -23.23 -39.91 31.80
N LYS B 84 -24.45 -39.87 32.35
CA LYS B 84 -25.19 -38.64 32.67
C LYS B 84 -24.36 -37.37 32.78
N GLU B 85 -23.56 -37.27 33.85
CA GLU B 85 -22.77 -36.07 34.09
C GLU B 85 -21.84 -35.83 32.89
N SER B 86 -20.98 -36.82 32.61
CA SER B 86 -20.03 -36.74 31.51
C SER B 86 -20.66 -36.24 30.21
N THR B 87 -21.81 -36.80 29.83
CA THR B 87 -22.52 -36.37 28.63
C THR B 87 -22.88 -34.86 28.76
N SER B 88 -23.51 -34.52 29.86
CA SER B 88 -23.85 -33.14 30.16
C SER B 88 -22.62 -32.25 29.88
N TRP B 89 -21.51 -32.43 30.68
CA TRP B 89 -20.23 -31.62 30.59
C TRP B 89 -19.70 -31.46 29.20
N ASP B 90 -19.69 -32.52 28.39
CA ASP B 90 -19.22 -32.35 27.04
C ASP B 90 -20.23 -31.47 26.27
N ARG B 91 -21.50 -31.89 26.31
CA ARG B 91 -22.57 -31.08 25.71
C ARG B 91 -22.39 -29.66 26.25
N GLN B 92 -22.15 -29.55 27.56
CA GLN B 92 -21.91 -28.26 28.18
C GLN B 92 -20.76 -27.56 27.45
N ARG B 93 -19.62 -28.22 27.43
CA ARG B 93 -18.36 -27.67 26.92
C ARG B 93 -18.46 -27.28 25.46
N LEU B 94 -19.16 -28.11 24.68
CA LEU B 94 -19.40 -27.80 23.27
C LEU B 94 -20.21 -26.52 23.14
N GLU B 95 -21.31 -26.41 23.89
CA GLU B 95 -22.11 -25.20 23.86
C GLU B 95 -21.19 -24.00 24.10
N LYS B 96 -20.19 -24.15 24.94
CA LYS B 96 -19.20 -23.11 25.27
C LYS B 96 -18.35 -22.67 24.01
N GLU B 97 -17.73 -23.70 23.25
CA GLU B 97 -16.93 -23.58 21.96
C GLU B 97 -17.82 -22.88 20.91
N LEU B 98 -19.00 -23.51 20.77
CA LEU B 98 -20.05 -22.99 19.94
C LEU B 98 -20.23 -21.52 20.29
N GLU B 99 -20.05 -21.20 21.59
CA GLU B 99 -20.14 -19.80 21.96
C GLU B 99 -18.99 -19.07 21.32
N GLU B 100 -17.77 -19.18 21.87
CA GLU B 100 -16.60 -18.55 21.34
C GLU B 100 -16.63 -18.35 19.84
N LYS B 101 -16.94 -19.40 19.12
CA LYS B 101 -16.95 -19.27 17.68
C LYS B 101 -17.97 -18.23 17.06
N LYS B 102 -19.23 -18.06 17.66
CA LYS B 102 -20.32 -17.13 17.18
C LYS B 102 -19.80 -15.80 17.34
N GLU B 103 -19.24 -15.76 18.47
CA GLU B 103 -18.66 -14.53 18.71
C GLU B 103 -17.61 -14.27 17.68
N ALA B 104 -16.57 -15.09 17.72
CA ALA B 104 -15.40 -14.97 16.82
C ALA B 104 -15.80 -14.93 15.37
N LEU B 105 -17.10 -15.02 15.15
CA LEU B 105 -17.64 -14.88 13.81
C LEU B 105 -18.01 -13.44 13.60
N GLU B 106 -18.86 -12.89 14.47
CA GLU B 106 -19.28 -11.50 14.30
C GLU B 106 -18.10 -10.59 13.98
N LEU B 107 -17.01 -10.72 14.72
CA LEU B 107 -15.82 -9.89 14.51
C LEU B 107 -15.33 -10.08 13.09
N ALA B 108 -14.86 -11.29 12.77
CA ALA B 108 -14.50 -11.62 11.41
C ALA B 108 -15.44 -10.89 10.44
N ILE B 109 -16.75 -10.94 10.71
CA ILE B 109 -17.74 -10.26 9.86
C ILE B 109 -17.53 -8.74 9.82
N ASP B 110 -17.38 -8.12 11.00
CA ASP B 110 -17.06 -6.70 11.10
C ASP B 110 -15.72 -6.36 10.50
N GLN B 111 -14.87 -7.38 10.33
CA GLN B 111 -13.65 -7.12 9.58
C GLN B 111 -13.97 -7.05 8.11
N ALA B 112 -14.12 -8.20 7.46
CA ALA B 112 -14.25 -8.20 5.98
C ALA B 112 -14.83 -6.87 5.52
N SER B 113 -16.13 -6.71 5.77
CA SER B 113 -16.90 -5.46 5.66
C SER B 113 -16.10 -4.15 5.76
N ARG B 114 -15.47 -3.94 6.90
CA ARG B 114 -14.50 -2.84 7.06
C ARG B 114 -13.44 -2.90 5.95
N ASP B 115 -12.57 -3.91 5.96
CA ASP B 115 -11.56 -4.05 4.91
C ASP B 115 -12.22 -3.80 3.55
N TYR B 116 -13.38 -4.42 3.36
CA TYR B 116 -14.16 -4.27 2.15
C TYR B 116 -14.38 -2.79 1.86
N HIS B 117 -14.92 -2.06 2.83
CA HIS B 117 -15.27 -0.66 2.62
C HIS B 117 -14.06 0.23 2.37
N ARG B 118 -12.95 -0.12 3.02
CA ARG B 118 -11.68 0.57 2.82
C ARG B 118 -11.24 0.36 1.38
N ALA B 119 -11.07 -0.92 1.02
CA ALA B 119 -10.77 -1.28 -0.36
C ALA B 119 -11.62 -0.50 -1.35
N THR B 120 -12.95 -0.52 -1.16
CA THR B 120 -13.87 0.21 -2.03
C THR B 120 -13.49 1.68 -2.10
N ALA B 121 -13.30 2.30 -0.93
CA ALA B 121 -12.94 3.71 -0.84
C ALA B 121 -11.55 3.99 -1.40
N LEU B 122 -10.63 3.04 -1.23
CA LEU B 122 -9.32 3.14 -1.83
C LEU B 122 -9.46 3.17 -3.35
N GLU B 123 -10.34 2.31 -3.87
CA GLU B 123 -10.70 2.28 -5.27
C GLU B 123 -11.12 3.66 -5.78
N LYS B 124 -11.74 4.46 -4.91
CA LYS B 124 -12.21 5.80 -5.26
C LYS B 124 -11.06 6.79 -5.39
N GLU B 125 -10.34 7.00 -4.29
CA GLU B 125 -9.13 7.82 -4.31
C GLU B 125 -8.30 7.42 -5.53
N LEU B 126 -8.12 6.11 -5.70
CA LEU B 126 -7.45 5.59 -6.88
C LEU B 126 -8.07 6.11 -8.19
N GLU B 127 -9.38 5.94 -8.37
CA GLU B 127 -10.05 6.43 -9.58
C GLU B 127 -9.97 7.96 -9.69
N GLU B 128 -9.99 8.64 -8.55
CA GLU B 128 -9.76 10.08 -8.49
C GLU B 128 -8.37 10.41 -9.02
N LYS B 129 -7.37 9.73 -8.47
CA LYS B 129 -5.99 9.86 -8.90
C LYS B 129 -5.89 9.57 -10.39
N LYS B 130 -6.67 8.60 -10.86
CA LYS B 130 -6.75 8.25 -12.28
C LYS B 130 -7.13 9.45 -13.14
N LYS B 131 -8.14 10.20 -12.72
CA LYS B 131 -8.68 11.29 -13.53
C LYS B 131 -7.73 12.48 -13.62
N ALA B 132 -7.25 12.95 -12.47
CA ALA B 132 -6.18 13.95 -12.47
C ALA B 132 -5.11 13.49 -13.45
N LEU B 133 -4.61 12.26 -13.25
CA LEU B 133 -3.62 11.66 -14.14
C LEU B 133 -3.94 11.86 -15.62
N GLU B 134 -5.22 11.73 -15.98
CA GLU B 134 -5.64 11.91 -17.38
C GLU B 134 -5.44 13.34 -17.86
N LEU B 135 -6.05 14.30 -17.17
CA LEU B 135 -5.96 15.71 -17.54
C LEU B 135 -4.54 16.23 -17.42
N ALA B 136 -3.79 15.67 -16.48
CA ALA B 136 -2.36 15.92 -16.38
C ALA B 136 -1.68 15.39 -17.64
N ILE B 137 -1.89 14.11 -17.91
CA ILE B 137 -1.32 13.47 -19.10
C ILE B 137 -1.79 14.13 -20.40
N ASP B 138 -2.98 14.74 -20.35
CA ASP B 138 -3.55 15.45 -21.49
C ASP B 138 -2.78 16.75 -21.74
N GLN B 139 -3.00 17.72 -20.85
CA GLN B 139 -2.28 19.00 -20.82
C GLN B 139 -0.89 18.86 -21.46
N ALA B 140 -0.04 18.08 -20.80
CA ALA B 140 1.30 17.72 -21.27
C ALA B 140 1.47 17.75 -22.79
N SER B 141 0.78 16.85 -23.47
CA SER B 141 0.86 16.71 -24.91
C SER B 141 0.34 17.94 -25.65
N GLN B 142 -0.75 18.53 -25.14
CA GLN B 142 -1.30 19.80 -25.65
C GLN B 142 -0.25 20.92 -25.55
N ASP B 143 0.88 20.61 -24.92
CA ASP B 143 2.01 21.52 -24.89
C ASP B 143 3.12 21.02 -25.82
N TYR B 144 3.31 19.70 -25.83
CA TYR B 144 4.34 19.08 -26.68
C TYR B 144 4.34 19.65 -28.09
N ASN B 145 3.13 19.94 -28.58
CA ASN B 145 2.95 20.41 -29.95
C ASN B 145 2.98 21.91 -30.06
N ARG B 146 2.76 22.58 -28.92
CA ARG B 146 2.89 24.03 -28.88
C ARG B 146 4.32 24.33 -29.30
N ALA B 147 5.21 23.44 -28.93
CA ALA B 147 6.66 23.54 -29.18
C ALA B 147 7.00 23.57 -30.64
N ASN B 148 6.45 22.65 -31.35
CA ASN B 148 6.65 22.55 -32.79
C ASN B 148 6.05 23.69 -33.42
N VAL B 149 4.86 23.92 -32.96
CA VAL B 149 4.22 25.04 -33.47
C VAL B 149 5.29 26.13 -33.53
N LEU B 150 5.87 26.47 -32.38
CA LEU B 150 6.86 27.55 -32.33
C LEU B 150 8.13 27.24 -33.09
N GLU B 151 8.63 26.01 -32.95
CA GLU B 151 9.79 25.54 -33.70
C GLU B 151 9.69 25.76 -35.20
N LYS B 152 8.48 25.94 -35.72
CA LYS B 152 8.26 26.08 -37.16
C LYS B 152 8.93 27.34 -37.69
N GLU B 153 8.19 28.43 -37.64
CA GLU B 153 8.68 29.76 -38.01
C GLU B 153 9.85 30.14 -37.12
N ALA C 16 69.13 105.34 -90.76
CA ALA C 16 69.80 105.13 -89.44
C ALA C 16 69.26 103.89 -88.73
N ALA C 17 70.11 103.29 -87.90
CA ALA C 17 69.74 102.13 -87.10
C ALA C 17 70.42 102.14 -85.73
N ASN C 18 71.06 103.27 -85.39
CA ASN C 18 71.85 103.39 -84.16
C ASN C 18 71.91 104.83 -83.59
N ASN C 19 70.92 105.18 -82.76
CA ASN C 19 70.90 106.49 -82.11
C ASN C 19 70.27 106.45 -80.72
N PRO C 20 71.01 105.96 -79.72
CA PRO C 20 70.52 105.81 -78.34
C PRO C 20 69.28 106.57 -78.06
N ALA C 21 69.33 107.82 -78.49
CA ALA C 21 68.15 108.56 -78.35
C ALA C 21 67.05 107.68 -79.04
N ILE C 22 67.46 106.90 -80.09
CA ILE C 22 66.56 106.05 -80.89
C ILE C 22 66.12 104.98 -80.05
N GLN C 23 66.54 105.09 -78.87
CA GLN C 23 66.15 103.94 -78.20
C GLN C 23 65.01 104.26 -77.27
N ASN C 24 65.29 104.38 -75.96
CA ASN C 24 64.18 104.63 -74.98
C ASN C 24 62.75 104.40 -75.54
N ILE C 25 62.25 105.17 -76.58
CA ILE C 25 60.86 104.94 -77.11
C ILE C 25 60.74 103.47 -77.27
N ARG C 26 61.77 102.91 -77.91
CA ARG C 26 61.78 101.51 -78.08
C ARG C 26 61.91 100.90 -76.69
N LEU C 27 62.86 101.39 -75.94
CA LEU C 27 63.16 100.85 -74.62
C LEU C 27 62.50 101.53 -73.40
N ARG C 28 61.39 102.27 -73.43
CA ARG C 28 60.79 102.88 -72.20
C ARG C 28 59.37 102.65 -72.31
N HIS C 29 59.04 102.60 -73.56
CA HIS C 29 57.73 102.21 -73.78
C HIS C 29 57.76 100.74 -73.48
N GLU C 30 58.61 99.93 -74.13
CA GLU C 30 58.72 98.50 -73.83
C GLU C 30 58.92 98.26 -72.33
N ASN C 31 59.36 99.31 -71.64
CA ASN C 31 59.52 99.27 -70.19
C ASN C 31 58.21 99.55 -69.48
N LYS C 32 57.51 100.61 -69.90
CA LYS C 32 56.16 100.85 -69.45
C LYS C 32 55.29 99.64 -69.83
N ASP C 33 55.52 99.12 -71.04
CA ASP C 33 54.89 97.91 -71.55
C ASP C 33 54.89 96.77 -70.54
N LEU C 34 56.08 96.30 -70.21
CA LEU C 34 56.25 95.09 -69.44
C LEU C 34 55.97 95.28 -67.98
N LYS C 35 56.31 96.46 -67.44
CA LYS C 35 56.04 96.77 -66.05
C LYS C 35 54.56 96.57 -65.73
N ALA C 36 53.74 96.47 -66.79
CA ALA C 36 52.35 96.06 -66.68
C ALA C 36 52.18 94.56 -66.85
N ARG C 37 52.59 94.03 -68.00
CA ARG C 37 52.54 92.58 -68.27
C ARG C 37 52.80 91.80 -66.99
N LEU C 38 53.92 92.12 -66.33
CA LEU C 38 54.22 91.60 -65.00
C LEU C 38 53.13 91.97 -64.03
N GLU C 39 53.17 93.20 -63.52
CA GLU C 39 52.19 93.73 -62.56
C GLU C 39 51.04 92.76 -62.28
N ASN C 40 50.21 92.53 -63.30
CA ASN C 40 48.98 91.78 -63.16
C ASN C 40 49.16 90.30 -63.50
N ALA C 41 49.80 90.00 -64.63
CA ALA C 41 50.06 88.62 -65.02
C ALA C 41 50.94 87.94 -63.98
N GLU C 43 49.81 88.98 -60.57
CA GLU C 43 48.56 88.84 -59.81
C GLU C 43 47.60 87.81 -60.43
N VAL C 44 47.90 87.36 -61.65
CA VAL C 44 47.13 86.31 -62.31
C VAL C 44 47.52 84.93 -61.81
N ALA C 45 48.77 84.54 -62.03
CA ALA C 45 49.30 83.27 -61.54
C ALA C 45 49.01 83.14 -60.07
N GLY C 46 49.11 84.29 -59.37
CA GLY C 46 48.76 84.38 -57.97
C GLY C 46 47.29 84.10 -57.68
N ARG C 47 46.40 84.64 -58.52
CA ARG C 47 44.96 84.44 -58.34
C ARG C 47 44.54 83.05 -58.81
N ASP C 48 45.11 82.60 -59.92
CA ASP C 48 45.04 81.21 -60.31
C ASP C 48 45.44 80.37 -59.10
N PHE C 49 46.48 80.83 -58.40
CA PHE C 49 47.05 80.09 -57.28
C PHE C 49 46.18 80.07 -56.03
N LYS C 50 45.77 81.24 -55.53
CA LYS C 50 44.98 81.31 -54.30
C LYS C 50 43.69 80.52 -54.42
N ARG C 51 43.30 80.21 -55.65
CA ARG C 51 42.17 79.34 -55.93
C ARG C 51 42.58 77.88 -55.82
N ALA C 52 43.67 77.53 -56.50
CA ALA C 52 44.22 76.17 -56.50
C ALA C 52 44.39 75.61 -55.09
N GLU C 53 44.93 76.44 -54.19
CA GLU C 53 45.12 76.02 -52.81
C GLU C 53 43.78 75.88 -52.10
N GLU C 54 42.92 76.89 -52.27
CA GLU C 54 41.55 76.81 -51.73
C GLU C 54 40.88 75.47 -52.04
N LEU C 55 41.09 74.97 -53.25
CA LEU C 55 40.57 73.65 -53.62
C LEU C 55 41.33 72.51 -52.97
N GLU C 56 42.66 72.54 -53.12
CA GLU C 56 43.54 71.64 -52.38
C GLU C 56 42.95 71.32 -51.01
N LYS C 57 42.64 72.38 -50.26
CA LYS C 57 42.03 72.26 -48.94
C LYS C 57 40.74 71.45 -48.98
N ALA C 58 39.79 71.89 -49.79
CA ALA C 58 38.46 71.29 -49.87
C ALA C 58 38.50 69.79 -50.12
N LYS C 59 39.22 69.39 -51.17
CA LYS C 59 39.45 67.98 -51.46
C LYS C 59 39.89 67.22 -50.22
N GLN C 60 40.96 67.67 -49.58
CA GLN C 60 41.47 66.95 -48.42
C GLN C 60 40.44 66.94 -47.31
N ALA C 61 39.84 68.09 -47.04
CA ALA C 61 38.72 68.18 -46.11
C ALA C 61 37.69 67.12 -46.46
N LEU C 62 37.30 67.08 -47.74
CA LEU C 62 36.39 66.06 -48.26
C LEU C 62 36.94 64.65 -48.06
N GLU C 63 38.07 64.34 -48.73
CA GLU C 63 38.77 63.06 -48.55
C GLU C 63 38.73 62.62 -47.10
N ASP C 64 39.09 63.53 -46.20
CA ASP C 64 39.13 63.25 -44.76
C ASP C 64 37.76 62.93 -44.21
N GLN C 65 36.80 63.79 -44.53
CA GLN C 65 35.39 63.54 -44.28
C GLN C 65 35.00 62.14 -44.78
N ARG C 66 35.58 61.75 -45.93
CA ARG C 66 35.29 60.44 -46.50
C ARG C 66 36.00 59.28 -45.82
N LYS C 67 37.35 59.24 -45.86
CA LYS C 67 38.10 58.09 -45.31
C LYS C 67 37.52 57.67 -43.97
N ASP C 68 37.06 58.66 -43.20
CA ASP C 68 36.34 58.43 -41.96
C ASP C 68 35.28 57.32 -42.09
N LEU C 69 34.24 57.57 -42.89
CA LEU C 69 33.15 56.62 -43.03
C LEU C 69 33.68 55.22 -43.30
N GLU C 70 34.64 55.15 -44.23
CA GLU C 70 35.46 53.97 -44.44
C GLU C 70 35.83 53.30 -43.10
N THR C 71 36.60 54.01 -42.28
CA THR C 71 37.02 53.49 -40.96
C THR C 71 35.78 53.18 -40.10
N LYS C 72 34.81 54.10 -40.15
CA LYS C 72 33.55 53.99 -39.41
C LYS C 72 32.72 52.76 -39.80
N LEU C 73 32.57 52.52 -41.10
CA LEU C 73 31.76 51.40 -41.61
C LEU C 73 32.32 50.05 -41.23
N LYS C 74 33.61 49.82 -41.50
CA LYS C 74 34.22 48.54 -41.21
C LYS C 74 34.00 48.16 -39.76
N GLU C 75 34.05 49.16 -38.88
CA GLU C 75 33.79 48.97 -37.46
C GLU C 75 32.36 48.46 -37.24
N LEU C 76 31.40 48.99 -38.00
CA LEU C 76 30.00 48.57 -37.87
C LEU C 76 29.72 47.21 -38.49
N GLN C 77 30.43 46.86 -39.56
CA GLN C 77 30.42 45.46 -40.00
C GLN C 77 30.79 44.62 -38.79
N GLN C 78 31.93 44.92 -38.16
CA GLN C 78 32.36 44.23 -36.94
C GLN C 78 31.25 44.14 -35.90
N ASP C 79 30.65 45.31 -35.58
CA ASP C 79 29.48 45.36 -34.69
C ASP C 79 28.45 44.33 -35.11
N TYR C 80 28.07 44.39 -36.38
CA TYR C 80 27.10 43.46 -36.94
C TYR C 80 27.71 42.00 -37.01
N ASP C 81 28.85 41.86 -37.79
CA ASP C 81 29.60 40.59 -37.95
C ASP C 81 29.57 39.93 -36.61
N LEU C 82 29.65 40.78 -35.60
CA LEU C 82 29.60 40.34 -34.20
C LEU C 82 28.17 40.00 -33.82
N ALA C 83 27.26 40.96 -33.96
CA ALA C 83 25.85 40.70 -33.62
C ALA C 83 25.48 39.30 -34.10
N LYS C 84 25.67 39.09 -35.41
CA LYS C 84 25.68 37.78 -36.07
C LYS C 84 25.94 36.58 -35.15
N GLU C 85 27.17 36.46 -34.66
CA GLU C 85 27.53 35.33 -33.82
C GLU C 85 26.63 35.28 -32.59
N SER C 86 26.65 36.37 -31.81
CA SER C 86 25.85 36.48 -30.60
C SER C 86 24.39 36.05 -30.80
N THR C 87 23.77 36.55 -31.86
CA THR C 87 22.39 36.17 -32.18
C THR C 87 22.28 34.65 -32.38
N SER C 88 23.11 34.11 -33.27
CA SER C 88 23.13 32.64 -33.53
C SER C 88 22.91 31.92 -32.21
N TRP C 89 23.60 32.38 -31.20
CA TRP C 89 23.42 31.80 -29.86
C TRP C 89 21.90 31.85 -29.30
N ASP C 90 20.97 32.73 -29.92
CA ASP C 90 19.51 32.90 -29.63
C ASP C 90 18.75 31.70 -30.15
N ARG C 91 18.92 31.42 -31.44
CA ARG C 91 18.26 30.26 -32.06
C ARG C 91 18.71 28.95 -31.46
N GLN C 92 20.02 28.85 -31.22
CA GLN C 92 20.62 27.61 -30.74
C GLN C 92 20.20 27.26 -29.33
N ARG C 93 20.42 28.20 -28.40
CA ARG C 93 19.94 28.04 -27.04
C ARG C 93 18.48 27.62 -27.07
N LEU C 94 17.67 28.34 -27.86
CA LEU C 94 16.25 28.05 -28.02
C LEU C 94 15.99 26.61 -28.46
N GLU C 95 16.45 26.25 -29.67
CA GLU C 95 16.34 24.86 -30.14
C GLU C 95 16.66 23.90 -28.99
N LYS C 96 17.85 24.06 -28.41
CA LYS C 96 18.34 23.20 -27.33
C LYS C 96 17.38 23.12 -26.13
N GLU C 97 16.94 24.28 -25.65
CA GLU C 97 16.05 24.36 -24.49
C GLU C 97 14.63 23.99 -24.85
N LEU C 98 14.28 24.15 -26.12
CA LEU C 98 13.02 23.67 -26.63
C LEU C 98 13.06 22.14 -26.79
N GLU C 99 14.24 21.63 -27.15
CA GLU C 99 14.43 20.19 -27.28
C GLU C 99 14.36 19.49 -25.92
N GLU C 100 14.95 20.12 -24.90
CA GLU C 100 14.93 19.58 -23.54
C GLU C 100 13.51 19.50 -22.99
N LYS C 101 12.71 20.51 -23.34
CA LYS C 101 11.31 20.53 -22.94
C LYS C 101 10.53 19.43 -23.65
N LYS C 102 10.72 19.31 -24.96
CA LYS C 102 10.10 18.23 -25.74
C LYS C 102 10.57 16.85 -25.28
N GLU C 103 11.87 16.73 -25.00
CA GLU C 103 12.45 15.52 -24.42
C GLU C 103 11.61 15.05 -23.24
N ALA C 104 11.65 15.80 -22.15
CA ALA C 104 10.96 15.40 -20.92
C ALA C 104 9.47 15.71 -20.93
N LEU C 105 8.98 16.35 -22.00
CA LEU C 105 7.54 16.56 -22.16
C LEU C 105 6.87 15.28 -22.62
N GLU C 106 7.67 14.38 -23.20
CA GLU C 106 7.22 13.05 -23.57
C GLU C 106 7.44 12.11 -22.38
N LEU C 107 8.64 12.17 -21.81
CA LEU C 107 9.04 11.31 -20.69
C LEU C 107 8.10 11.40 -19.49
N ALA C 108 7.42 12.52 -19.35
CA ALA C 108 6.36 12.67 -18.36
C ALA C 108 5.07 12.00 -18.81
N ILE C 109 4.74 12.14 -20.10
CA ILE C 109 3.54 11.52 -20.67
C ILE C 109 3.59 10.00 -20.49
N ASP C 110 4.80 9.44 -20.58
CA ASP C 110 5.03 8.03 -20.27
C ASP C 110 4.64 7.71 -18.84
N GLN C 111 5.28 8.39 -17.88
CA GLN C 111 5.01 8.15 -16.46
C GLN C 111 3.53 8.24 -16.18
N ALA C 112 2.90 9.26 -16.75
CA ALA C 112 1.47 9.45 -16.61
C ALA C 112 0.73 8.14 -16.87
N SER C 113 1.04 7.49 -17.99
CA SER C 113 0.43 6.21 -18.35
C SER C 113 1.03 5.04 -17.60
N ARG C 114 2.36 4.99 -17.54
CA ARG C 114 3.08 3.94 -16.82
C ARG C 114 2.63 3.86 -15.36
N ASP C 115 2.02 4.93 -14.88
CA ASP C 115 1.34 4.91 -13.60
C ASP C 115 -0.17 4.87 -13.75
N TYR C 116 -0.68 5.35 -14.88
CA TYR C 116 -2.08 5.16 -15.24
C TYR C 116 -2.35 3.68 -15.62
N HIS C 117 -1.29 2.87 -15.63
CA HIS C 117 -1.48 1.44 -15.78
C HIS C 117 -1.35 0.80 -14.42
N ARG C 118 -0.21 1.09 -13.78
CA ARG C 118 0.11 0.62 -12.44
C ARG C 118 -1.10 0.63 -11.53
N ALA C 119 -1.86 1.72 -11.56
CA ALA C 119 -3.00 1.89 -10.69
C ALA C 119 -4.21 1.07 -11.14
N THR C 120 -4.50 1.08 -12.46
CA THR C 120 -5.62 0.30 -12.99
C THR C 120 -5.46 -1.15 -12.58
N ALA C 121 -4.22 -1.61 -12.57
CA ALA C 121 -3.88 -2.97 -12.16
C ALA C 121 -4.14 -3.21 -10.69
N LEU C 122 -3.73 -2.26 -9.85
CA LEU C 122 -4.00 -2.36 -8.43
C LEU C 122 -5.48 -2.10 -8.14
N GLU C 123 -6.18 -1.47 -9.08
CA GLU C 123 -7.61 -1.27 -8.95
C GLU C 123 -8.40 -2.55 -9.17
N LYS C 124 -7.98 -3.35 -10.16
CA LYS C 124 -8.48 -4.70 -10.30
C LYS C 124 -8.12 -5.50 -9.05
N GLU C 125 -6.86 -5.39 -8.66
CA GLU C 125 -6.31 -6.01 -7.44
C GLU C 125 -7.23 -5.87 -6.23
N LEU C 126 -7.84 -4.70 -6.11
CA LEU C 126 -8.86 -4.48 -5.09
C LEU C 126 -10.05 -5.37 -5.37
N GLU C 127 -10.72 -5.06 -6.47
CA GLU C 127 -11.88 -5.82 -6.94
C GLU C 127 -11.80 -7.32 -6.63
N GLU C 128 -10.64 -7.91 -6.87
CA GLU C 128 -10.40 -9.30 -6.52
C GLU C 128 -10.72 -9.55 -5.05
N LYS C 129 -9.88 -9.00 -4.17
CA LYS C 129 -10.02 -9.22 -2.75
C LYS C 129 -11.16 -8.41 -2.15
N LYS C 130 -11.91 -7.72 -3.01
CA LYS C 130 -13.19 -7.14 -2.63
C LYS C 130 -14.24 -8.23 -2.60
N LYS C 131 -14.37 -8.97 -3.71
CA LYS C 131 -15.25 -10.13 -3.79
C LYS C 131 -14.78 -11.26 -2.89
N ALA C 132 -13.44 -11.44 -2.80
CA ALA C 132 -12.89 -12.44 -1.89
C ALA C 132 -13.48 -12.26 -0.50
N LEU C 133 -13.71 -11.01 -0.10
CA LEU C 133 -14.31 -10.70 1.20
C LEU C 133 -15.80 -11.00 1.24
N GLU C 134 -16.43 -10.97 0.07
CA GLU C 134 -17.85 -11.29 -0.06
C GLU C 134 -18.10 -12.72 0.37
N LEU C 135 -17.17 -13.62 0.01
CA LEU C 135 -17.28 -15.00 0.45
C LEU C 135 -17.46 -15.06 1.96
N ALA C 136 -16.46 -14.58 2.70
CA ALA C 136 -16.47 -14.70 4.16
C ALA C 136 -17.78 -14.21 4.73
N ILE C 137 -18.17 -12.99 4.38
CA ILE C 137 -19.49 -12.45 4.73
C ILE C 137 -20.54 -13.57 4.75
N ASP C 138 -20.64 -14.32 3.66
CA ASP C 138 -21.56 -15.44 3.57
C ASP C 138 -20.99 -16.65 4.29
N GLN C 139 -20.04 -17.33 3.64
CA GLN C 139 -19.35 -18.48 4.23
C GLN C 139 -19.35 -18.44 5.75
N ALA C 140 -18.93 -17.30 6.32
CA ALA C 140 -19.04 -17.10 7.76
C ALA C 140 -20.51 -17.15 8.19
N SER C 141 -21.29 -16.12 7.83
CA SER C 141 -22.73 -16.06 8.15
C SER C 141 -23.33 -17.45 8.23
N GLN C 142 -23.09 -18.24 7.18
CA GLN C 142 -23.40 -19.65 7.14
C GLN C 142 -23.30 -20.28 8.54
N ASP C 143 -22.11 -20.20 9.13
CA ASP C 143 -21.81 -20.88 10.40
C ASP C 143 -22.46 -20.23 11.60
N TYR C 144 -22.59 -18.90 11.59
CA TYR C 144 -23.31 -18.24 12.66
C TYR C 144 -24.67 -18.91 12.80
N ASN C 145 -25.40 -18.98 11.68
CA ASN C 145 -26.56 -19.87 11.58
C ASN C 145 -26.25 -21.29 12.03
N ARG C 146 -25.50 -22.04 11.23
CA ARG C 146 -25.21 -23.45 11.53
C ARG C 146 -25.12 -23.69 13.03
N ALA C 147 -24.22 -22.96 13.68
CA ALA C 147 -24.05 -23.01 15.13
C ALA C 147 -25.35 -22.73 15.88
N ASN C 148 -26.04 -21.65 15.50
CA ASN C 148 -27.35 -21.30 16.07
C ASN C 148 -28.30 -22.49 16.11
N VAL C 149 -28.40 -23.15 14.96
CA VAL C 149 -29.20 -24.35 14.82
C VAL C 149 -28.79 -25.45 15.80
N LEU C 150 -27.59 -25.33 16.37
CA LEU C 150 -27.10 -26.40 17.24
C LEU C 150 -27.23 -26.10 18.74
N GLU C 151 -27.65 -24.88 19.08
CA GLU C 151 -28.17 -24.64 20.43
C GLU C 151 -29.49 -25.39 20.62
N LYS C 152 -30.14 -25.71 19.52
CA LYS C 152 -31.35 -26.55 19.57
C LYS C 152 -31.09 -27.76 20.45
N GLU C 153 -30.05 -28.50 20.10
CA GLU C 153 -29.52 -29.57 20.92
C GLU C 153 -28.76 -28.95 22.10
N ASN D 19 71.77 113.56 -71.48
CA ASN D 19 72.33 112.75 -72.60
C ASN D 19 72.44 111.27 -72.24
N PRO D 20 71.31 110.55 -72.25
CA PRO D 20 71.32 109.16 -71.86
C PRO D 20 71.49 108.16 -73.00
N ALA D 21 72.54 107.37 -72.87
CA ALA D 21 72.49 105.98 -73.24
C ALA D 21 72.91 105.22 -71.98
N ILE D 22 73.05 105.95 -70.88
CA ILE D 22 73.19 105.34 -69.56
C ILE D 22 71.89 104.62 -69.22
N GLN D 23 70.94 105.31 -68.58
CA GLN D 23 69.54 104.89 -68.62
C GLN D 23 69.29 103.65 -69.50
N ASN D 24 69.53 103.79 -70.80
CA ASN D 24 69.46 102.67 -71.75
C ASN D 24 70.04 101.39 -71.18
N ILE D 25 71.24 101.48 -70.59
CA ILE D 25 71.92 100.31 -70.01
C ILE D 25 71.02 99.60 -69.00
N ARG D 26 70.53 100.34 -68.03
CA ARG D 26 69.62 99.78 -67.04
C ARG D 26 68.42 99.17 -67.74
N LEU D 27 67.70 100.01 -68.51
CA LEU D 27 66.50 99.60 -69.23
C LEU D 27 66.58 98.19 -69.81
N ARG D 28 67.49 97.99 -70.75
CA ARG D 28 67.65 96.69 -71.40
C ARG D 28 67.60 95.59 -70.35
N HIS D 29 68.45 95.74 -69.33
CA HIS D 29 68.50 94.83 -68.18
C HIS D 29 67.18 94.70 -67.42
N GLU D 30 66.53 95.84 -67.19
CA GLU D 30 65.26 95.90 -66.49
C GLU D 30 64.16 95.24 -67.31
N ASN D 31 64.18 95.46 -68.61
CA ASN D 31 63.20 94.84 -69.51
C ASN D 31 63.34 93.33 -69.49
N LYS D 32 64.57 92.85 -69.64
CA LYS D 32 64.89 91.43 -69.60
C LYS D 32 64.37 90.77 -68.33
N ASP D 33 64.65 91.39 -67.20
CA ASP D 33 64.22 90.88 -65.90
C ASP D 33 62.70 90.92 -65.77
N LEU D 34 62.08 91.92 -66.40
CA LEU D 34 60.62 92.01 -66.40
C LEU D 34 60.01 91.03 -67.36
N LYS D 35 60.60 90.91 -68.55
CA LYS D 35 60.24 89.83 -69.46
C LYS D 35 60.27 88.53 -68.66
N ALA D 36 61.42 88.26 -68.04
CA ALA D 36 61.67 87.02 -67.31
C ALA D 36 60.54 86.61 -66.37
N ARG D 37 60.14 87.53 -65.49
CA ARG D 37 59.04 87.29 -64.56
C ARG D 37 57.85 86.78 -65.36
N LEU D 38 57.57 87.46 -66.46
CA LEU D 38 56.32 87.27 -67.18
C LEU D 38 56.33 86.05 -68.10
N GLU D 39 57.48 85.36 -68.19
CA GLU D 39 57.52 84.03 -68.78
C GLU D 39 56.93 83.04 -67.78
N ASN D 40 57.65 82.82 -66.69
CA ASN D 40 57.32 81.77 -65.73
C ASN D 40 55.95 81.91 -65.10
N ALA D 41 55.55 83.15 -64.83
CA ALA D 41 54.23 83.42 -64.28
C ALA D 41 53.17 82.83 -65.20
N GLU D 43 53.73 79.99 -67.14
CA GLU D 43 53.80 78.56 -66.91
C GLU D 43 53.31 78.19 -65.50
N VAL D 44 53.58 79.05 -64.53
CA VAL D 44 53.17 78.79 -63.15
C VAL D 44 51.66 78.89 -63.00
N ALA D 45 51.07 79.97 -63.53
CA ALA D 45 49.63 80.09 -63.65
C ALA D 45 49.05 78.87 -64.34
N GLY D 46 49.75 78.42 -65.40
CA GLY D 46 49.37 77.21 -66.12
C GLY D 46 49.45 75.98 -65.23
N ARG D 47 50.65 75.73 -64.71
CA ARG D 47 50.92 74.63 -63.78
C ARG D 47 49.79 74.51 -62.76
N ASP D 48 49.34 75.65 -62.25
CA ASP D 48 48.12 75.68 -61.48
C ASP D 48 46.89 75.38 -62.34
N PHE D 49 46.46 76.33 -63.18
CA PHE D 49 45.17 76.23 -63.88
C PHE D 49 44.68 74.80 -64.14
N LYS D 50 45.54 73.92 -64.68
CA LYS D 50 45.15 72.52 -64.86
C LYS D 50 45.07 71.75 -63.54
N ARG D 51 46.21 71.62 -62.86
CA ARG D 51 46.27 71.02 -61.52
C ARG D 51 45.08 71.46 -60.67
N ALA D 52 44.88 72.77 -60.58
CA ALA D 52 43.70 73.37 -59.95
C ALA D 52 42.39 72.88 -60.56
N GLU D 53 42.17 73.20 -61.85
CA GLU D 53 40.97 72.77 -62.56
C GLU D 53 40.71 71.28 -62.34
N GLU D 54 41.58 70.45 -62.88
CA GLU D 54 41.47 68.99 -62.75
C GLU D 54 40.92 68.53 -61.40
N LEU D 55 41.46 69.10 -60.31
CA LEU D 55 41.03 68.75 -58.96
C LEU D 55 39.51 68.73 -58.82
N GLU D 56 38.88 69.85 -59.21
CA GLU D 56 37.43 70.03 -59.05
C GLU D 56 36.59 68.83 -59.50
N LYS D 57 37.18 68.00 -60.35
CA LYS D 57 36.56 66.74 -60.77
C LYS D 57 36.95 65.60 -59.82
N ALA D 58 38.25 65.42 -59.63
CA ALA D 58 38.76 64.35 -58.76
C ALA D 58 38.27 64.49 -57.31
N LYS D 59 37.61 65.61 -57.01
CA LYS D 59 36.91 65.77 -55.74
C LYS D 59 35.43 65.41 -55.85
N GLN D 60 34.80 65.83 -56.94
CA GLN D 60 33.51 65.31 -57.36
C GLN D 60 33.59 63.79 -57.31
N ALA D 61 34.48 63.25 -58.14
CA ALA D 61 34.79 61.82 -58.14
C ALA D 61 34.85 61.27 -56.72
N LEU D 62 35.80 61.75 -55.94
CA LEU D 62 35.99 61.25 -54.58
C LEU D 62 34.79 61.45 -53.67
N GLU D 63 34.01 62.52 -53.89
CA GLU D 63 32.75 62.71 -53.16
C GLU D 63 31.76 61.61 -53.52
N ASP D 64 31.77 61.19 -54.78
CA ASP D 64 30.92 60.10 -55.23
C ASP D 64 31.12 58.89 -54.33
N GLN D 65 32.38 58.44 -54.21
CA GLN D 65 32.75 57.32 -53.35
C GLN D 65 32.18 57.51 -51.93
N ARG D 66 32.10 58.76 -51.49
CA ARG D 66 31.60 59.04 -50.16
C ARG D 66 30.08 59.00 -50.07
N LYS D 67 29.36 59.38 -51.13
CA LYS D 67 27.91 59.20 -51.07
C LYS D 67 27.55 57.72 -51.20
N ASP D 68 28.27 57.01 -52.07
CA ASP D 68 28.27 55.54 -52.07
C ASP D 68 28.18 54.99 -50.65
N LEU D 69 29.21 55.28 -49.85
CA LEU D 69 29.35 54.70 -48.51
C LEU D 69 28.27 55.12 -47.53
N GLU D 70 27.82 56.38 -47.63
CA GLU D 70 26.73 56.86 -46.80
C GLU D 70 25.52 55.95 -46.88
N THR D 71 25.12 55.57 -48.10
CA THR D 71 24.07 54.56 -48.25
C THR D 71 24.56 53.19 -47.78
N LYS D 72 25.79 52.82 -48.14
CA LYS D 72 26.37 51.53 -47.75
C LYS D 72 26.38 51.31 -46.23
N LEU D 73 26.57 52.39 -45.47
CA LEU D 73 26.37 52.35 -44.04
C LEU D 73 24.89 52.35 -43.69
N LYS D 74 24.16 53.36 -44.17
CA LYS D 74 22.72 53.43 -43.96
C LYS D 74 22.09 52.07 -44.22
N GLU D 75 22.59 51.40 -45.25
CA GLU D 75 22.19 50.04 -45.60
C GLU D 75 22.37 49.08 -44.42
N LEU D 76 23.62 48.99 -43.93
CA LEU D 76 23.93 48.16 -42.77
C LEU D 76 23.27 48.68 -41.50
N GLN D 77 22.88 49.96 -41.52
CA GLN D 77 22.08 50.54 -40.45
C GLN D 77 20.90 49.63 -40.22
N GLN D 78 20.02 49.51 -41.22
CA GLN D 78 18.84 48.65 -41.09
C GLN D 78 19.17 47.24 -40.62
N ASP D 79 20.24 46.65 -41.14
CA ASP D 79 20.68 45.30 -40.73
C ASP D 79 20.73 45.12 -39.20
N TYR D 80 21.84 45.54 -38.59
CA TYR D 80 21.96 45.64 -37.13
C TYR D 80 20.65 46.17 -36.55
N ASP D 81 20.22 47.34 -37.05
CA ASP D 81 19.01 48.02 -36.59
C ASP D 81 17.78 47.11 -36.49
N LEU D 82 17.85 45.93 -37.11
CA LEU D 82 16.72 45.00 -37.10
C LEU D 82 17.08 43.56 -36.75
N ALA D 83 18.36 43.20 -36.91
CA ALA D 83 18.86 41.96 -36.35
C ALA D 83 18.61 41.97 -34.84
N LYS D 84 18.87 43.13 -34.24
CA LYS D 84 18.60 43.32 -32.82
C LYS D 84 17.13 43.08 -32.52
N GLU D 85 16.24 43.72 -33.30
CA GLU D 85 14.81 43.42 -33.23
C GLU D 85 14.62 41.91 -33.10
N SER D 86 15.21 41.18 -34.05
CA SER D 86 15.24 39.73 -34.02
C SER D 86 15.82 39.20 -32.71
N THR D 87 17.13 39.42 -32.49
CA THR D 87 17.82 38.91 -31.29
C THR D 87 16.92 39.09 -30.08
N SER D 88 16.59 40.35 -29.80
CA SER D 88 15.73 40.73 -28.68
C SER D 88 14.44 39.96 -28.61
N TRP D 89 13.59 40.06 -29.62
CA TRP D 89 12.26 39.49 -29.46
C TRP D 89 12.19 37.97 -29.65
N ASP D 90 13.36 37.36 -29.86
CA ASP D 90 13.56 35.94 -29.62
C ASP D 90 13.87 35.65 -28.15
N ARG D 91 14.67 36.50 -27.52
CA ARG D 91 14.95 36.36 -26.09
C ARG D 91 13.66 36.53 -25.30
N GLN D 92 12.75 37.35 -25.85
CA GLN D 92 11.40 37.47 -25.33
C GLN D 92 10.75 36.10 -25.19
N ARG D 93 10.67 35.40 -26.32
CA ARG D 93 10.15 34.04 -26.36
C ARG D 93 10.85 33.20 -25.32
N LEU D 94 12.17 33.05 -25.48
CA LEU D 94 13.00 32.28 -24.54
C LEU D 94 12.75 32.60 -23.06
N GLU D 95 12.51 33.88 -22.74
CA GLU D 95 12.02 34.21 -21.41
C GLU D 95 10.74 33.46 -21.14
N LYS D 96 9.69 33.76 -21.90
CA LYS D 96 8.36 33.16 -21.69
C LYS D 96 8.44 31.65 -21.51
N GLU D 97 9.38 31.02 -22.22
CA GLU D 97 9.60 29.59 -22.09
C GLU D 97 9.90 29.27 -20.64
N LEU D 98 10.99 29.82 -20.14
CA LEU D 98 11.36 29.61 -18.75
C LEU D 98 10.22 30.00 -17.83
N GLU D 99 9.50 31.07 -18.16
CA GLU D 99 8.40 31.47 -17.31
C GLU D 99 7.33 30.39 -17.22
N GLU D 100 6.96 29.82 -18.37
CA GLU D 100 6.08 28.67 -18.38
C GLU D 100 6.71 27.53 -17.57
N LYS D 101 7.95 27.17 -17.91
CA LYS D 101 8.66 26.06 -17.27
C LYS D 101 8.78 26.22 -15.75
N LYS D 102 9.20 27.41 -15.30
CA LYS D 102 9.41 27.63 -13.86
C LYS D 102 8.18 27.21 -13.08
N GLU D 103 7.04 27.71 -13.55
CA GLU D 103 5.74 27.44 -12.99
C GLU D 103 5.38 25.97 -13.13
N ALA D 104 5.52 25.44 -14.36
CA ALA D 104 5.38 24.01 -14.59
C ALA D 104 6.17 23.24 -13.54
N LEU D 105 7.44 23.60 -13.36
CA LEU D 105 8.27 23.04 -12.29
C LEU D 105 7.64 23.16 -10.92
N GLU D 106 7.17 24.35 -10.57
CA GLU D 106 6.47 24.56 -9.31
C GLU D 106 5.32 23.58 -9.17
N LEU D 107 4.48 23.53 -10.21
CA LEU D 107 3.33 22.64 -10.21
C LEU D 107 3.79 21.21 -9.92
N ALA D 108 4.80 20.76 -10.64
CA ALA D 108 5.41 19.45 -10.40
C ALA D 108 5.87 19.29 -8.95
N ILE D 109 6.42 20.36 -8.37
CA ILE D 109 6.91 20.29 -7.00
C ILE D 109 5.76 20.16 -6.01
N ASP D 110 4.69 20.92 -6.26
CA ASP D 110 3.46 20.77 -5.50
C ASP D 110 3.08 19.29 -5.44
N GLN D 111 2.88 18.69 -6.61
CA GLN D 111 2.45 17.29 -6.69
C GLN D 111 3.37 16.35 -5.92
N ALA D 112 4.68 16.51 -6.12
CA ALA D 112 5.68 15.61 -5.56
C ALA D 112 5.54 15.40 -4.05
N SER D 113 5.44 16.51 -3.32
CA SER D 113 5.35 16.46 -1.86
C SER D 113 4.08 15.74 -1.45
N ARG D 114 2.95 16.29 -1.86
CA ARG D 114 1.64 15.65 -1.76
C ARG D 114 1.81 14.14 -1.79
N ASP D 115 2.44 13.66 -2.87
CA ASP D 115 2.77 12.26 -3.03
C ASP D 115 3.67 11.72 -1.91
N TYR D 116 4.66 12.50 -1.48
CA TYR D 116 5.48 12.09 -0.33
C TYR D 116 4.55 11.82 0.86
N HIS D 117 3.85 12.86 1.31
CA HIS D 117 3.12 12.79 2.57
C HIS D 117 1.93 11.83 2.50
N ARG D 118 1.30 11.77 1.33
CA ARG D 118 0.33 10.72 1.00
C ARG D 118 0.92 9.34 1.31
N ALA D 119 2.03 9.01 0.63
CA ALA D 119 2.74 7.76 0.86
C ALA D 119 3.02 7.55 2.34
N THR D 120 3.37 8.62 3.05
CA THR D 120 3.60 8.48 4.48
C THR D 120 2.35 8.15 5.30
N ALA D 121 1.16 8.53 4.78
CA ALA D 121 -0.10 8.10 5.37
C ALA D 121 -0.27 6.59 5.21
N LEU D 122 -0.21 6.12 3.95
CA LEU D 122 -0.16 4.69 3.65
C LEU D 122 0.81 3.98 4.58
N GLU D 123 2.03 4.51 4.66
CA GLU D 123 2.99 4.02 5.64
C GLU D 123 2.35 3.79 6.99
N LYS D 124 1.88 4.87 7.62
CA LYS D 124 1.22 4.74 8.92
C LYS D 124 0.13 3.69 8.85
N GLU D 125 -0.79 3.84 7.91
CA GLU D 125 -1.98 2.99 7.84
C GLU D 125 -1.63 1.52 7.96
N LEU D 126 -0.79 1.04 7.03
CA LEU D 126 -0.27 -0.32 7.13
C LEU D 126 0.36 -0.51 8.48
N GLU D 127 1.38 0.28 8.79
CA GLU D 127 2.14 0.04 10.00
C GLU D 127 1.24 -0.26 11.19
N GLU D 128 0.10 0.42 11.28
CA GLU D 128 -0.87 0.16 12.35
C GLU D 128 -1.56 -1.18 12.14
N LYS D 129 -2.01 -1.42 10.91
CA LYS D 129 -2.53 -2.73 10.53
C LYS D 129 -1.55 -3.80 10.99
N LYS D 130 -0.28 -3.57 10.70
CA LYS D 130 0.78 -4.48 11.14
C LYS D 130 0.58 -4.93 12.58
N LYS D 131 0.42 -3.96 13.49
CA LYS D 131 0.14 -4.35 14.87
C LYS D 131 -1.14 -5.18 14.93
N ALA D 132 -2.22 -4.70 14.33
CA ALA D 132 -3.49 -5.44 14.34
C ALA D 132 -3.23 -6.91 14.05
N LEU D 133 -2.58 -7.18 12.91
CA LEU D 133 -2.16 -8.55 12.58
C LEU D 133 -1.39 -9.23 13.71
N GLU D 134 -0.36 -8.57 14.23
CA GLU D 134 0.42 -9.09 15.35
C GLU D 134 -0.51 -9.57 16.47
N LEU D 135 -1.02 -8.60 17.24
CA LEU D 135 -2.08 -8.83 18.21
C LEU D 135 -2.95 -10.03 17.87
N ALA D 136 -3.60 -9.98 16.71
CA ALA D 136 -4.54 -11.02 16.30
C ALA D 136 -3.86 -12.38 16.35
N ILE D 137 -2.93 -12.60 15.41
CA ILE D 137 -2.05 -13.77 15.42
C ILE D 137 -1.74 -14.16 16.84
N ASP D 138 -1.34 -13.18 17.64
CA ASP D 138 -1.00 -13.48 19.00
C ASP D 138 -2.16 -14.22 19.64
N GLN D 139 -3.30 -13.55 19.79
CA GLN D 139 -4.49 -14.18 20.35
C GLN D 139 -4.76 -15.54 19.71
N ALA D 140 -4.87 -15.55 18.39
CA ALA D 140 -5.02 -16.79 17.61
C ALA D 140 -4.18 -17.96 18.14
N SER D 141 -2.90 -17.69 18.42
CA SER D 141 -2.05 -18.65 19.10
C SER D 141 -2.55 -18.94 20.51
N GLN D 142 -2.83 -17.88 21.28
CA GLN D 142 -3.21 -17.99 22.68
C GLN D 142 -4.37 -18.97 22.91
N ASP D 143 -5.25 -19.13 21.92
CA ASP D 143 -6.38 -20.07 22.10
C ASP D 143 -6.22 -21.46 21.48
N TYR D 144 -5.65 -21.56 20.27
CA TYR D 144 -5.14 -22.84 19.76
C TYR D 144 -4.39 -23.54 20.88
N ASN D 145 -3.38 -22.87 21.43
CA ASN D 145 -2.68 -23.38 22.60
C ASN D 145 -3.69 -23.85 23.64
N ARG D 146 -4.58 -22.93 24.03
CA ARG D 146 -5.65 -23.25 24.97
C ARG D 146 -6.60 -24.37 24.50
N ALA D 147 -6.74 -24.56 23.20
CA ALA D 147 -7.57 -25.65 22.69
C ALA D 147 -7.08 -26.97 23.27
N ASN D 148 -5.79 -27.25 23.07
CA ASN D 148 -5.28 -28.56 23.37
C ASN D 148 -5.00 -28.81 24.88
N VAL D 149 -5.05 -27.69 25.66
CA VAL D 149 -5.23 -27.79 27.13
C VAL D 149 -6.60 -28.37 27.44
N LEU D 150 -7.42 -28.48 26.39
CA LEU D 150 -8.74 -29.08 26.46
C LEU D 150 -8.75 -30.40 25.69
N GLU D 151 -8.19 -30.36 24.47
CA GLU D 151 -8.28 -31.47 23.52
C GLU D 151 -7.85 -32.84 24.04
N LYS D 152 -6.95 -32.88 25.02
CA LYS D 152 -6.81 -34.09 25.83
C LYS D 152 -7.59 -33.93 27.12
N GLU D 153 -8.56 -34.82 27.31
CA GLU D 153 -9.44 -34.78 28.46
C GLU D 153 -10.04 -36.15 28.74
#